data_2NVG
#
_entry.id   2NVG
#
_cell.length_a   69.935
_cell.length_b   69.935
_cell.length_c   54.582
_cell.angle_alpha   90.00
_cell.angle_beta   90.00
_cell.angle_gamma   90.00
#
_symmetry.space_group_name_H-M   'I 4'
#
loop_
_entity.id
_entity.type
_entity.pdbx_description
1 polymer 'Ubiquinol-cytochrome c reductase iron-sulfur subunit'
2 non-polymer 'FE2/S2 (INORGANIC) CLUSTER'
3 non-polymer GLYCEROL
4 water water
#
_entity_poly.entity_id   1
_entity_poly.type   'polypeptide(L)'
_entity_poly.pdbx_seq_one_letter_code
;LASIFVDVSSVEPGVQLTVKFLGKPIFIRRRTEADIELGRSVQLGQLVDTNARNANIDAGAEATDQNRTLDEAGEWLVMW
GVCTHLGCVPIGGVSGDFGGWFCPCHGAHYDSAGRIRKGPAPENLPIPLAKFIDETTIQLG
;
_entity_poly.pdbx_strand_id   A
#
loop_
_chem_comp.id
_chem_comp.type
_chem_comp.name
_chem_comp.formula
FES non-polymer 'FE2/S2 (INORGANIC) CLUSTER' 'Fe2 S2'
GOL non-polymer GLYCEROL 'C3 H8 O3'
#
# COMPACT_ATOMS: atom_id res chain seq x y z
N LEU A 1 14.85 -9.18 -16.99
CA LEU A 1 15.54 -8.02 -16.38
C LEU A 1 14.59 -6.88 -16.03
N ALA A 2 13.34 -7.19 -15.71
CA ALA A 2 12.34 -6.16 -15.44
C ALA A 2 12.57 -5.38 -14.15
N SER A 3 13.20 -6.02 -13.16
CA SER A 3 13.33 -5.41 -11.83
C SER A 3 13.94 -4.03 -11.88
N ILE A 4 13.46 -3.15 -11.01
CA ILE A 4 14.09 -1.85 -10.82
C ILE A 4 14.45 -1.68 -9.34
N PHE A 5 15.25 -0.66 -9.06
CA PHE A 5 15.89 -0.51 -7.76
C PHE A 5 15.73 0.92 -7.28
N VAL A 6 14.94 1.09 -6.22
CA VAL A 6 14.52 2.41 -5.78
C VAL A 6 15.26 2.82 -4.51
N ASP A 7 15.97 3.94 -4.59
CA ASP A 7 16.64 4.52 -3.44
C ASP A 7 15.62 5.21 -2.54
N VAL A 8 15.44 4.68 -1.34
CA VAL A 8 14.48 5.26 -0.41
C VAL A 8 15.17 5.94 0.78
N SER A 9 16.47 6.19 0.65
CA SER A 9 17.29 6.75 1.74
C SER A 9 16.83 8.13 2.22
N SER A 10 16.17 8.88 1.35
CA SER A 10 15.75 10.24 1.67
C SER A 10 14.26 10.37 2.00
N VAL A 11 13.54 9.25 2.03
CA VAL A 11 12.12 9.27 2.31
C VAL A 11 11.89 9.36 3.82
N GLU A 12 11.29 10.47 4.24
CA GLU A 12 11.05 10.72 5.66
C GLU A 12 9.68 10.21 6.06
N PRO A 13 9.43 10.03 7.37
CA PRO A 13 8.10 9.59 7.77
C PRO A 13 6.99 10.53 7.26
N GLY A 14 5.92 9.93 6.79
CA GLY A 14 4.80 10.69 6.22
C GLY A 14 5.00 11.15 4.80
N VAL A 15 6.02 10.60 4.13
CA VAL A 15 6.26 10.92 2.74
C VAL A 15 5.98 9.69 1.88
N GLN A 16 5.32 9.91 0.76
CA GLN A 16 5.14 8.88 -0.24
C GLN A 16 6.00 9.20 -1.45
N LEU A 17 6.78 8.23 -1.89
CA LEU A 17 7.51 8.33 -3.13
C LEU A 17 6.73 7.54 -4.16
N THR A 18 6.52 8.10 -5.35
CA THR A 18 5.77 7.41 -6.40
C THR A 18 6.72 7.14 -7.55
N VAL A 19 6.83 5.87 -7.93
CA VAL A 19 7.74 5.48 -9.01
C VAL A 19 6.97 4.71 -10.06
N LYS A 20 7.33 4.88 -11.31
CA LYS A 20 6.66 4.21 -12.40
C LYS A 20 7.34 2.87 -12.69
N PHE A 21 6.54 1.82 -12.76
CA PHE A 21 7.04 0.47 -12.96
C PHE A 21 6.03 -0.28 -13.79
N LEU A 22 6.49 -0.92 -14.85
CA LEU A 22 5.60 -1.63 -15.78
C LEU A 22 4.48 -0.71 -16.24
N GLY A 23 4.82 0.56 -16.43
CA GLY A 23 3.87 1.53 -16.96
C GLY A 23 2.90 2.16 -15.98
N LYS A 24 2.98 1.81 -14.69
CA LYS A 24 1.98 2.24 -13.71
C LYS A 24 2.67 2.72 -12.45
N PRO A 25 2.01 3.58 -11.66
CA PRO A 25 2.62 4.04 -10.42
C PRO A 25 2.66 3.00 -9.31
N ILE A 26 3.80 2.94 -8.63
CA ILE A 26 3.97 2.24 -7.37
C ILE A 26 4.12 3.30 -6.29
N PHE A 27 3.31 3.17 -5.24
CA PHE A 27 3.39 4.05 -4.10
C PHE A 27 4.31 3.42 -3.07
N ILE A 28 5.31 4.17 -2.62
CA ILE A 28 6.16 3.74 -1.52
C ILE A 28 5.97 4.76 -0.41
N ARG A 29 5.16 4.43 0.59
CA ARG A 29 4.93 5.37 1.66
C ARG A 29 5.70 4.93 2.89
N ARG A 30 6.48 5.86 3.45
CA ARG A 30 7.07 5.64 4.74
C ARG A 30 6.03 6.12 5.74
N ARG A 31 5.39 5.17 6.41
CA ARG A 31 4.24 5.49 7.23
C ARG A 31 4.61 6.17 8.53
N THR A 32 3.74 7.05 8.98
CA THR A 32 3.90 7.71 10.28
C THR A 32 3.50 6.75 11.38
N GLU A 33 3.86 7.08 12.61
CA GLU A 33 3.44 6.26 13.74
C GLU A 33 1.92 6.19 13.85
N ALA A 34 1.23 7.27 13.46
CA ALA A 34 -0.23 7.27 13.46
C ALA A 34 -0.77 6.30 12.41
N ASP A 35 -0.20 6.34 11.20
CA ASP A 35 -0.61 5.42 10.12
C ASP A 35 -0.45 3.97 10.57
N ILE A 36 0.69 3.66 11.19
CA ILE A 36 1.00 2.30 11.60
C ILE A 36 0.03 1.83 12.67
N GLU A 37 -0.12 2.63 13.72
CA GLU A 37 -1.05 2.28 14.78
C GLU A 37 -2.47 2.10 14.27
N LEU A 38 -2.94 3.02 13.43
CA LEU A 38 -4.28 2.92 12.91
C LEU A 38 -4.47 1.66 12.06
N GLY A 39 -3.47 1.35 11.23
CA GLY A 39 -3.52 0.12 10.44
C GLY A 39 -3.62 -1.11 11.30
N ARG A 40 -2.89 -1.13 12.42
CA ARG A 40 -2.88 -2.28 13.32
C ARG A 40 -4.08 -2.35 14.24
N SER A 41 -4.91 -1.32 14.20
CA SER A 41 -6.11 -1.24 15.05
C SER A 41 -7.34 -1.85 14.40
N VAL A 42 -7.24 -2.17 13.12
CA VAL A 42 -8.37 -2.67 12.35
C VAL A 42 -8.47 -4.19 12.51
N GLN A 43 -9.67 -4.66 12.84
CA GLN A 43 -9.93 -6.10 12.91
C GLN A 43 -10.24 -6.63 11.51
N LEU A 44 -9.81 -7.85 11.23
CA LEU A 44 -10.08 -8.47 9.93
C LEU A 44 -11.57 -8.49 9.59
N GLY A 45 -12.41 -8.70 10.61
CA GLY A 45 -13.86 -8.69 10.43
C GLY A 45 -14.44 -7.37 9.96
N GLN A 46 -13.66 -6.29 10.04
CA GLN A 46 -14.10 -4.96 9.64
C GLN A 46 -13.80 -4.65 8.17
N LEU A 47 -12.97 -5.49 7.54
CA LEU A 47 -12.50 -5.23 6.19
C LEU A 47 -13.44 -5.70 5.09
N VAL A 48 -13.49 -4.93 4.01
CA VAL A 48 -14.20 -5.32 2.80
C VAL A 48 -13.51 -6.52 2.14
N ASP A 49 -12.18 -6.46 2.08
CA ASP A 49 -11.37 -7.49 1.44
C ASP A 49 -10.36 -8.02 2.45
N THR A 50 -10.52 -9.28 2.87
CA THR A 50 -9.63 -9.83 3.89
C THR A 50 -8.37 -10.46 3.32
N ASN A 51 -8.19 -10.42 2.01
CA ASN A 51 -7.01 -10.99 1.37
C ASN A 51 -5.89 -9.95 1.30
N ALA A 52 -4.67 -10.35 1.64
CA ALA A 52 -3.52 -9.44 1.65
C ALA A 52 -3.16 -8.86 0.27
N ARG A 53 -3.56 -9.54 -0.80
CA ARG A 53 -3.24 -9.09 -2.17
C ARG A 53 -1.75 -8.79 -2.31
N ASN A 54 -0.91 -9.65 -1.75
CA ASN A 54 0.50 -9.36 -1.60
C ASN A 54 1.34 -10.41 -2.34
N ALA A 55 2.01 -9.96 -3.40
CA ALA A 55 2.80 -10.85 -4.27
C ALA A 55 3.93 -11.57 -3.53
N ASN A 56 4.34 -11.03 -2.39
CA ASN A 56 5.51 -11.51 -1.66
C ASN A 56 5.26 -12.67 -0.71
N ILE A 57 3.99 -12.93 -0.43
CA ILE A 57 3.61 -13.93 0.56
C ILE A 57 2.51 -14.82 0.00
N ASP A 58 2.08 -15.80 0.79
CA ASP A 58 1.04 -16.71 0.34
C ASP A 58 -0.18 -15.96 -0.19
N ALA A 59 -0.71 -16.42 -1.31
CA ALA A 59 -1.83 -15.75 -1.96
C ALA A 59 -3.11 -15.78 -1.15
N GLY A 60 -3.15 -16.65 -0.13
CA GLY A 60 -4.30 -16.74 0.76
C GLY A 60 -4.12 -16.00 2.07
N ALA A 61 -3.01 -15.26 2.20
CA ALA A 61 -2.72 -14.53 3.43
C ALA A 61 -3.79 -13.51 3.77
N GLU A 62 -4.04 -13.34 5.06
CA GLU A 62 -4.99 -12.36 5.55
C GLU A 62 -4.40 -10.95 5.49
N ALA A 63 -5.28 -9.98 5.23
CA ALA A 63 -4.89 -8.58 5.12
C ALA A 63 -4.68 -7.89 6.47
N THR A 64 -3.95 -8.55 7.36
CA THR A 64 -3.47 -7.89 8.58
C THR A 64 -2.51 -6.79 8.16
N ASP A 65 -2.32 -5.80 9.02
CA ASP A 65 -1.39 -4.72 8.72
C ASP A 65 0.00 -5.28 8.45
N GLN A 66 0.39 -6.27 9.24
CA GLN A 66 1.70 -6.90 9.13
C GLN A 66 1.91 -7.59 7.77
N ASN A 67 0.84 -8.09 7.18
CA ASN A 67 0.91 -8.69 5.84
C ASN A 67 0.75 -7.69 4.71
N ARG A 68 0.75 -6.40 5.05
CA ARG A 68 0.62 -5.36 4.05
C ARG A 68 1.87 -4.51 3.89
N THR A 69 2.87 -4.69 4.76
CA THR A 69 4.10 -3.89 4.69
C THR A 69 5.30 -4.78 4.40
N LEU A 70 6.40 -4.18 3.95
CA LEU A 70 7.60 -4.95 3.65
C LEU A 70 8.36 -5.36 4.91
N ASP A 71 8.29 -4.53 5.94
CA ASP A 71 9.09 -4.67 7.14
C ASP A 71 8.22 -5.01 8.35
N GLU A 72 8.83 -5.68 9.32
CA GLU A 72 8.15 -6.02 10.58
C GLU A 72 7.70 -4.79 11.34
N ALA A 73 8.50 -3.72 11.26
CA ALA A 73 8.20 -2.47 11.95
C ALA A 73 7.01 -1.73 11.34
N GLY A 74 6.62 -2.14 10.12
CA GLY A 74 5.46 -1.58 9.46
C GLY A 74 5.65 -0.19 8.88
N GLU A 75 6.90 0.25 8.75
CA GLU A 75 7.12 1.60 8.21
C GLU A 75 6.97 1.69 6.70
N TRP A 76 7.13 0.58 6.00
CA TRP A 76 7.25 0.64 4.55
C TRP A 76 6.08 -0.02 3.87
N LEU A 77 5.20 0.81 3.34
CA LEU A 77 4.03 0.35 2.61
C LEU A 77 4.26 0.59 1.12
N VAL A 78 4.35 -0.50 0.36
CA VAL A 78 4.64 -0.44 -1.05
C VAL A 78 3.48 -1.12 -1.77
N MET A 79 2.82 -0.38 -2.65
CA MET A 79 1.66 -0.91 -3.35
C MET A 79 1.52 -0.29 -4.72
N TRP A 80 0.80 -0.99 -5.59
CA TRP A 80 0.41 -0.42 -6.86
C TRP A 80 -0.58 0.70 -6.61
N GLY A 81 -0.32 1.87 -7.19
CA GLY A 81 -1.21 3.01 -7.08
C GLY A 81 -2.30 2.95 -8.13
N VAL A 82 -3.04 1.84 -8.13
CA VAL A 82 -3.96 1.51 -9.19
C VAL A 82 -5.26 1.06 -8.53
N CYS A 83 -6.26 1.94 -8.52
CA CYS A 83 -7.53 1.63 -7.88
C CYS A 83 -8.08 0.33 -8.43
N THR A 84 -8.57 -0.53 -7.54
CA THR A 84 -8.99 -1.86 -7.96
C THR A 84 -10.37 -1.87 -8.60
N HIS A 85 -11.01 -0.71 -8.64
CA HIS A 85 -12.27 -0.55 -9.36
C HIS A 85 -11.98 -0.44 -10.86
N LEU A 86 -11.54 0.73 -11.30
CA LEU A 86 -11.27 0.95 -12.74
C LEU A 86 -9.90 1.56 -13.01
N GLY A 87 -9.00 1.49 -12.03
CA GLY A 87 -7.59 1.76 -12.31
C GLY A 87 -7.12 3.19 -12.21
N CYS A 88 -7.95 4.10 -11.71
CA CYS A 88 -7.49 5.47 -11.45
C CYS A 88 -6.42 5.50 -10.36
N VAL A 89 -5.68 6.61 -10.28
CA VAL A 89 -4.62 6.77 -9.29
C VAL A 89 -5.22 7.35 -8.01
N PRO A 90 -5.21 6.57 -6.90
CA PRO A 90 -5.74 7.10 -5.64
C PRO A 90 -4.89 8.24 -5.08
N ILE A 91 -5.56 9.20 -4.45
CA ILE A 91 -4.92 10.38 -3.88
C ILE A 91 -4.58 10.11 -2.42
N GLY A 92 -3.32 10.38 -2.06
CA GLY A 92 -2.80 10.04 -0.75
C GLY A 92 -2.64 11.25 0.13
N GLY A 93 -1.58 11.26 0.93
CA GLY A 93 -1.39 12.31 1.93
C GLY A 93 -2.49 12.28 2.97
N VAL A 94 -2.88 11.07 3.37
CA VAL A 94 -3.93 10.83 4.37
C VAL A 94 -5.27 11.43 3.92
N SER A 95 -5.79 10.89 2.83
CA SER A 95 -7.03 11.37 2.22
C SER A 95 -8.14 10.33 2.39
N GLY A 96 -9.38 10.79 2.28
CA GLY A 96 -10.53 9.92 2.46
C GLY A 96 -10.88 9.77 3.92
N ASP A 97 -11.82 8.89 4.21
CA ASP A 97 -12.40 8.75 5.54
C ASP A 97 -11.69 7.75 6.45
N PHE A 98 -10.64 7.10 5.92
CA PHE A 98 -9.95 6.04 6.65
C PHE A 98 -8.44 6.25 6.77
N GLY A 99 -8.04 7.52 6.70
CA GLY A 99 -6.65 7.90 6.91
C GLY A 99 -5.65 7.35 5.93
N GLY A 100 -6.07 7.15 4.67
CA GLY A 100 -5.21 6.54 3.66
C GLY A 100 -5.26 7.24 2.32
N TRP A 101 -6.03 6.66 1.40
CA TRP A 101 -6.12 7.15 0.03
C TRP A 101 -7.57 7.27 -0.38
N PHE A 102 -7.85 8.19 -1.29
CA PHE A 102 -9.18 8.39 -1.81
C PHE A 102 -9.09 8.38 -3.33
N CYS A 103 -9.89 7.54 -3.96
CA CYS A 103 -9.96 7.54 -5.42
C CYS A 103 -11.12 8.42 -5.83
N PRO A 104 -10.83 9.57 -6.45
CA PRO A 104 -11.88 10.53 -6.78
C PRO A 104 -12.73 10.12 -7.97
N CYS A 105 -12.31 9.10 -8.72
CA CYS A 105 -13.07 8.70 -9.91
C CYS A 105 -14.49 8.26 -9.56
N HIS A 106 -14.63 7.38 -8.57
CA HIS A 106 -15.96 6.93 -8.12
C HIS A 106 -16.05 6.79 -6.60
N GLY A 107 -15.07 7.35 -5.88
CA GLY A 107 -15.18 7.49 -4.43
C GLY A 107 -14.78 6.30 -3.59
N ALA A 108 -13.73 5.60 -4.00
CA ALA A 108 -13.19 4.52 -3.16
C ALA A 108 -12.30 5.11 -2.08
N HIS A 109 -12.43 4.58 -0.87
CA HIS A 109 -11.60 4.99 0.26
C HIS A 109 -10.77 3.81 0.71
N TYR A 110 -9.46 4.02 0.78
CA TYR A 110 -8.52 3.00 1.25
C TYR A 110 -7.90 3.48 2.55
N ASP A 111 -7.64 2.55 3.46
CA ASP A 111 -7.09 2.89 4.76
C ASP A 111 -5.58 3.05 4.74
N SER A 112 -4.97 3.17 5.93
CA SER A 112 -3.53 3.44 6.04
C SER A 112 -2.65 2.25 5.69
N ALA A 113 -3.27 1.10 5.43
CA ALA A 113 -2.55 -0.05 4.88
C ALA A 113 -2.96 -0.31 3.43
N GLY A 114 -3.65 0.65 2.82
CA GLY A 114 -4.10 0.50 1.44
C GLY A 114 -5.24 -0.47 1.25
N ARG A 115 -5.97 -0.75 2.33
CA ARG A 115 -7.08 -1.71 2.26
C ARG A 115 -8.37 -0.98 1.94
N ILE A 116 -9.19 -1.58 1.07
CA ILE A 116 -10.43 -0.92 0.65
C ILE A 116 -11.45 -0.95 1.80
N ARG A 117 -12.05 0.20 2.07
CA ARG A 117 -12.98 0.31 3.20
C ARG A 117 -14.37 0.81 2.83
N LYS A 118 -14.48 1.52 1.70
CA LYS A 118 -15.72 2.16 1.30
C LYS A 118 -15.67 2.45 -0.18
N GLY A 119 -16.81 2.38 -0.86
CA GLY A 119 -16.86 2.71 -2.28
C GLY A 119 -16.84 1.47 -3.18
N PRO A 120 -16.82 1.69 -4.49
CA PRO A 120 -17.07 0.62 -5.47
C PRO A 120 -15.89 -0.31 -5.78
N ALA A 121 -14.71 -0.06 -5.22
CA ALA A 121 -13.57 -0.93 -5.46
C ALA A 121 -13.71 -2.25 -4.70
N PRO A 122 -13.42 -3.38 -5.37
CA PRO A 122 -13.58 -4.67 -4.72
C PRO A 122 -12.42 -5.14 -3.85
N GLU A 123 -11.21 -4.64 -4.08
CA GLU A 123 -10.02 -5.23 -3.48
C GLU A 123 -9.09 -4.20 -2.88
N ASN A 124 -8.29 -4.67 -1.93
CA ASN A 124 -7.18 -3.88 -1.41
C ASN A 124 -6.18 -3.60 -2.52
N LEU A 125 -5.49 -2.47 -2.44
CA LEU A 125 -4.47 -2.17 -3.45
C LEU A 125 -3.42 -3.26 -3.41
N PRO A 126 -3.09 -3.82 -4.58
CA PRO A 126 -2.17 -4.96 -4.58
C PRO A 126 -0.73 -4.53 -4.31
N ILE A 127 0.02 -5.45 -3.71
CA ILE A 127 1.42 -5.22 -3.34
C ILE A 127 2.31 -5.96 -4.32
N PRO A 128 3.23 -5.23 -4.97
CA PRO A 128 4.13 -5.84 -5.96
C PRO A 128 5.19 -6.70 -5.30
N LEU A 129 5.85 -7.52 -6.11
CA LEU A 129 7.09 -8.14 -5.67
C LEU A 129 8.04 -7.03 -5.28
N ALA A 130 8.50 -7.07 -4.04
CA ALA A 130 9.28 -5.97 -3.50
C ALA A 130 9.99 -6.42 -2.27
N LYS A 131 11.25 -6.03 -2.14
CA LYS A 131 12.03 -6.34 -0.95
C LYS A 131 13.16 -5.33 -0.82
N PHE A 132 13.57 -5.07 0.42
CA PHE A 132 14.81 -4.33 0.64
C PHE A 132 15.99 -5.22 0.31
N ILE A 133 16.94 -4.66 -0.43
CA ILE A 133 18.16 -5.42 -0.72
C ILE A 133 19.34 -4.89 0.08
N ASP A 134 19.08 -3.87 0.90
CA ASP A 134 20.02 -3.32 1.88
C ASP A 134 19.21 -2.27 2.65
N GLU A 135 19.88 -1.41 3.40
CA GLU A 135 19.16 -0.46 4.26
C GLU A 135 18.39 0.61 3.48
N THR A 136 18.80 0.89 2.25
CA THR A 136 18.36 2.09 1.55
C THR A 136 17.66 1.84 0.21
N THR A 137 17.53 0.57 -0.20
CA THR A 137 17.08 0.26 -1.55
C THR A 137 16.01 -0.82 -1.56
N ILE A 138 14.91 -0.53 -2.24
CA ILE A 138 13.85 -1.49 -2.48
C ILE A 138 13.93 -1.96 -3.93
N GLN A 139 14.08 -3.27 -4.11
CA GLN A 139 13.93 -3.87 -5.42
C GLN A 139 12.46 -4.12 -5.70
N LEU A 140 11.98 -3.63 -6.83
CA LEU A 140 10.62 -3.93 -7.30
C LEU A 140 10.74 -4.90 -8.45
N GLY A 141 9.96 -5.98 -8.40
CA GLY A 141 10.06 -7.02 -9.42
C GLY A 141 10.97 -8.17 -9.03
FE1 FES B . -11.26 4.28 -8.28
FE2 FES B . -13.56 3.92 -9.66
S1 FES B . -13.32 4.37 -7.52
S2 FES B . -11.48 3.93 -10.45
C1 GOL C . -0.96 -5.45 -11.69
O1 GOL C . -1.60 -5.51 -10.44
C2 GOL C . -0.56 -4.00 -11.97
O2 GOL C . -1.67 -3.29 -12.49
C3 GOL C . 0.59 -3.99 -12.97
O3 GOL C . 0.12 -4.05 -14.29
C1 GOL D . -4.54 -7.09 -9.88
O1 GOL D . -4.69 -6.34 -11.08
C2 GOL D . -5.92 -7.36 -9.26
O2 GOL D . -5.78 -8.20 -8.14
C3 GOL D . -6.63 -6.08 -8.89
O3 GOL D . -5.78 -5.27 -8.10
#